data_5JKD
#
_entry.id   5JKD
#
_cell.length_a   145.604
_cell.length_b   65.377
_cell.length_c   77.199
_cell.angle_alpha   90.00
_cell.angle_beta   104.24
_cell.angle_gamma   90.00
#
_symmetry.space_group_name_H-M   'C 1 2 1'
#
loop_
_entity.id
_entity.type
_entity.pdbx_description
1 polymer 'Izumo sperm-egg fusion protein 1'
2 polymer 'Sperm-egg fusion protein Juno'
3 non-polymer 2-acetamido-2-deoxy-beta-D-glucopyranose
4 non-polymer 'CHLORIDE ION'
5 water water
#
loop_
_entity_poly.entity_id
_entity_poly.type
_entity_poly.pdbx_seq_one_letter_code
_entity_poly.pdbx_strand_id
1 'polypeptide(L)'
;RSPWCVICDPSVVLALKSLEKDYLPGHLDAKHHKAMMERVENAVKDFQELSLNEDAYMGVVDEATLQKGSWSLLKDLKRI
TDSDVKGDLFVKELFWMLHLQKETFATYVARFQKEAYCPNKCGVMLQTLIWCKNCKKEVHACRKSYDCGERNVEVPQMED
MILDCELNWHQASEGLTDYSFYRVWGNNTETLVSKGKEATLTKPMVGPEDAGSYRCELGSVNSSPATIINFHVTVLPKEF
LEVLFQ
;
A
2 'polypeptide(L)'
;RSPWGDELLNICMNAKHHKRVPSPEDKLYEECIPWKDNACCTLTTSWEAHLDVSPLYNFSLFHCGLLMPGCRKHFIQAIC
FYECSPNLGPWIQPVGSLGWEVAPSGQGERVVNVPLCQEDCEEWWEDCRMSYTCKSNWRGGWDWSQGKNRCPKGAQCLPF
SHYFPTPADLCEKTWSNSFKASPERRNSGRCLQKWFEPAQGNPNVAVARLFASEFLEVLFQ
;
B
#
loop_
_chem_comp.id
_chem_comp.type
_chem_comp.name
_chem_comp.formula
CL non-polymer 'CHLORIDE ION' 'Cl -1'
NAG D-saccharide, beta linking 2-acetamido-2-deoxy-beta-D-glucopyranose 'C8 H15 N O6'
#
# COMPACT_ATOMS: atom_id res chain seq x y z
N ARG A 1 2.11 -7.50 -19.51
CA ARG A 1 1.04 -8.43 -19.99
C ARG A 1 -0.08 -8.67 -18.96
N SER A 2 -1.22 -8.02 -19.17
CA SER A 2 -2.28 -7.97 -18.16
C SER A 2 -3.66 -8.15 -18.76
N PRO A 3 -4.61 -8.74 -17.98
CA PRO A 3 -5.97 -8.86 -18.50
C PRO A 3 -6.69 -7.55 -18.62
N TRP A 4 -7.71 -7.55 -19.44
CA TRP A 4 -8.64 -6.45 -19.53
C TRP A 4 -9.51 -6.50 -18.31
N CYS A 5 -9.35 -5.47 -17.49
CA CYS A 5 -9.98 -5.41 -16.17
C CYS A 5 -11.48 -5.71 -16.16
N VAL A 6 -12.10 -5.52 -17.30
CA VAL A 6 -13.52 -5.67 -17.50
C VAL A 6 -14.04 -7.11 -17.23
N ILE A 7 -13.20 -8.11 -17.44
CA ILE A 7 -13.59 -9.48 -17.07
C ILE A 7 -13.65 -9.72 -15.58
N CYS A 8 -13.17 -8.80 -14.78
CA CYS A 8 -13.45 -8.91 -13.36
C CYS A 8 -14.93 -8.71 -13.03
N ASP A 9 -15.75 -8.33 -14.02
CA ASP A 9 -17.18 -8.19 -13.85
C ASP A 9 -17.82 -9.49 -14.24
N PRO A 10 -18.54 -10.10 -13.31
CA PRO A 10 -19.17 -11.38 -13.63
C PRO A 10 -20.18 -11.34 -14.78
N SER A 11 -20.91 -10.27 -14.93
CA SER A 11 -21.91 -10.19 -15.99
C SER A 11 -21.22 -10.23 -17.36
N VAL A 12 -20.02 -9.65 -17.42
CA VAL A 12 -19.21 -9.69 -18.65
C VAL A 12 -18.79 -11.12 -18.99
N VAL A 13 -18.26 -11.85 -18.02
CA VAL A 13 -17.76 -13.17 -18.34
C VAL A 13 -18.97 -14.03 -18.70
N LEU A 14 -20.08 -13.83 -18.00
CA LEU A 14 -21.25 -14.64 -18.30
C LEU A 14 -21.81 -14.27 -19.68
N ALA A 15 -21.71 -13.01 -20.05
CA ALA A 15 -22.16 -12.54 -21.35
C ALA A 15 -21.33 -13.17 -22.43
N LEU A 16 -20.03 -13.30 -22.19
CA LEU A 16 -19.16 -13.99 -23.15
C LEU A 16 -19.47 -15.48 -23.20
N LYS A 17 -19.75 -16.13 -22.07
CA LYS A 17 -20.12 -17.54 -22.14
C LYS A 17 -21.42 -17.66 -22.92
N SER A 18 -22.35 -16.73 -22.71
CA SER A 18 -23.61 -16.82 -23.43
C SER A 18 -23.42 -16.63 -24.92
N LEU A 19 -22.50 -15.74 -25.30
CA LEU A 19 -22.13 -15.57 -26.69
C LEU A 19 -21.69 -16.90 -27.29
N GLU A 20 -20.76 -17.59 -26.63
CA GLU A 20 -20.31 -18.90 -27.11
C GLU A 20 -21.44 -19.91 -27.28
N LYS A 21 -22.22 -20.13 -26.22
CA LYS A 21 -23.17 -21.27 -26.15
C LYS A 21 -24.49 -20.91 -26.84
N ASP A 22 -24.98 -19.69 -26.61
CA ASP A 22 -26.25 -19.25 -27.19
C ASP A 22 -26.14 -18.59 -28.56
N TYR A 23 -25.12 -17.76 -28.81
CA TYR A 23 -25.08 -17.00 -30.09
C TYR A 23 -24.40 -17.71 -31.27
N LEU A 24 -23.25 -18.31 -31.02
CA LEU A 24 -22.46 -18.88 -32.10
C LEU A 24 -23.13 -19.99 -32.91
N PRO A 25 -23.94 -20.86 -32.26
CA PRO A 25 -24.54 -21.94 -33.06
C PRO A 25 -25.39 -21.44 -34.23
N GLY A 26 -26.23 -20.44 -33.98
CA GLY A 26 -27.11 -19.90 -35.02
C GLY A 26 -26.49 -18.89 -35.97
N HIS A 27 -25.25 -18.44 -35.69
CA HIS A 27 -24.67 -17.30 -36.41
C HIS A 27 -23.25 -17.47 -36.98
N LEU A 28 -22.64 -18.64 -36.81
CA LEU A 28 -21.29 -18.89 -37.28
C LEU A 28 -21.14 -20.37 -37.53
N ASP A 29 -20.44 -20.73 -38.62
CA ASP A 29 -20.17 -22.14 -38.93
C ASP A 29 -19.60 -22.85 -37.73
N ALA A 30 -20.14 -24.03 -37.42
CA ALA A 30 -19.73 -24.82 -36.27
C ALA A 30 -18.23 -25.09 -36.23
N LYS A 31 -17.64 -25.31 -37.41
CA LYS A 31 -16.22 -25.58 -37.51
C LYS A 31 -15.33 -24.40 -37.09
N HIS A 32 -15.92 -23.21 -36.90
CA HIS A 32 -15.20 -22.03 -36.42
C HIS A 32 -15.36 -21.65 -34.93
N HIS A 33 -16.27 -22.30 -34.23
CA HIS A 33 -16.60 -21.88 -32.87
C HIS A 33 -15.39 -21.91 -31.96
N LYS A 34 -14.71 -23.04 -31.95
CA LYS A 34 -13.56 -23.26 -31.06
C LYS A 34 -12.56 -22.14 -31.23
N ALA A 35 -12.11 -21.92 -32.46
CA ALA A 35 -11.07 -20.94 -32.76
C ALA A 35 -11.48 -19.50 -32.44
N MET A 36 -12.74 -19.19 -32.73
CA MET A 36 -13.32 -17.88 -32.47
C MET A 36 -13.22 -17.54 -31.01
N MET A 37 -13.64 -18.50 -30.19
CA MET A 37 -13.62 -18.29 -28.77
C MET A 37 -12.22 -18.19 -28.24
N GLU A 38 -11.30 -19.04 -28.69
CA GLU A 38 -9.89 -18.91 -28.28
C GLU A 38 -9.39 -17.50 -28.53
N ARG A 39 -9.81 -16.94 -29.65
CA ARG A 39 -9.42 -15.61 -30.07
C ARG A 39 -10.02 -14.49 -29.20
N VAL A 40 -11.29 -14.65 -28.86
CA VAL A 40 -11.95 -13.77 -27.90
C VAL A 40 -11.29 -13.87 -26.54
N GLU A 41 -11.13 -15.09 -26.00
CA GLU A 41 -10.50 -15.25 -24.69
C GLU A 41 -9.13 -14.55 -24.66
N ASN A 42 -8.35 -14.65 -25.73
CA ASN A 42 -7.07 -13.94 -25.82
C ASN A 42 -7.18 -12.44 -25.84
N ALA A 43 -8.20 -11.92 -26.53
CA ALA A 43 -8.49 -10.48 -26.50
C ALA A 43 -8.70 -9.97 -25.08
N VAL A 44 -9.34 -10.77 -24.25
CA VAL A 44 -9.65 -10.37 -22.92
C VAL A 44 -8.50 -10.66 -21.94
N LYS A 45 -7.72 -11.72 -22.19
CA LYS A 45 -6.56 -12.02 -21.34
C LYS A 45 -5.34 -11.07 -21.49
N ASP A 46 -5.29 -10.26 -22.57
CA ASP A 46 -4.26 -9.22 -22.67
C ASP A 46 -4.84 -7.90 -23.11
N PHE A 47 -4.40 -6.85 -22.44
CA PHE A 47 -4.90 -5.50 -22.63
C PHE A 47 -3.67 -4.64 -22.81
N GLN A 48 -3.32 -4.36 -24.06
CA GLN A 48 -2.06 -3.68 -24.36
C GLN A 48 -2.14 -2.15 -24.37
N GLU A 49 -3.35 -1.60 -24.36
CA GLU A 49 -3.54 -0.16 -24.53
C GLU A 49 -2.79 0.71 -23.51
N LEU A 50 -2.59 0.21 -22.30
CA LEU A 50 -1.67 0.82 -21.32
C LEU A 50 -0.68 -0.23 -20.80
N ALA A 56 1.81 5.23 -17.38
CA ALA A 56 2.19 4.66 -16.09
C ALA A 56 0.94 4.08 -15.43
N TYR A 57 0.66 2.82 -15.74
CA TYR A 57 -0.58 2.16 -15.36
C TYR A 57 -0.27 1.26 -14.19
N MET A 58 -1.01 1.41 -13.11
CA MET A 58 -0.74 0.70 -11.88
C MET A 58 -1.47 -0.65 -11.75
N GLY A 59 -2.30 -1.01 -12.73
CA GLY A 59 -2.98 -2.29 -12.72
C GLY A 59 -4.18 -2.36 -11.82
N VAL A 60 -4.67 -1.21 -11.38
CA VAL A 60 -5.78 -1.17 -10.46
C VAL A 60 -6.87 -0.32 -11.00
N VAL A 61 -8.05 -0.42 -10.41
CA VAL A 61 -9.25 0.25 -10.89
C VAL A 61 -10.22 0.29 -9.70
N ASP A 62 -11.07 1.30 -9.60
CA ASP A 62 -12.17 1.27 -8.62
C ASP A 62 -13.42 0.66 -9.21
N GLU A 63 -14.34 0.28 -8.32
CA GLU A 63 -15.52 -0.42 -8.74
C GLU A 63 -16.29 0.41 -9.76
N ALA A 64 -16.25 1.73 -9.59
CA ALA A 64 -16.96 2.63 -10.49
C ALA A 64 -16.44 2.55 -11.91
N THR A 65 -15.14 2.63 -12.05
CA THR A 65 -14.52 2.58 -13.35
C THR A 65 -14.81 1.24 -14.00
N LEU A 66 -14.64 0.17 -13.23
CA LEU A 66 -14.89 -1.15 -13.76
C LEU A 66 -16.28 -1.22 -14.31
N GLN A 67 -17.23 -0.72 -13.53
CA GLN A 67 -18.62 -0.78 -13.89
C GLN A 67 -18.95 -0.03 -15.15
N LYS A 68 -18.34 1.13 -15.27
CA LYS A 68 -18.57 1.96 -16.43
C LYS A 68 -18.12 1.15 -17.64
N GLY A 69 -16.92 0.60 -17.53
CA GLY A 69 -16.36 -0.16 -18.63
C GLY A 69 -17.24 -1.32 -19.00
N SER A 70 -17.70 -2.03 -17.99
CA SER A 70 -18.46 -3.23 -18.20
C SER A 70 -19.78 -2.89 -18.84
N TRP A 71 -20.45 -1.83 -18.35
CA TRP A 71 -21.74 -1.44 -18.89
C TRP A 71 -21.55 -1.15 -20.34
N SER A 72 -20.50 -0.40 -20.64
CA SER A 72 -20.24 0.00 -22.00
C SER A 72 -20.05 -1.19 -22.91
N LEU A 73 -19.23 -2.14 -22.47
CA LEU A 73 -18.93 -3.28 -23.29
C LEU A 73 -20.20 -4.04 -23.53
N LEU A 74 -20.96 -4.24 -22.46
CA LEU A 74 -22.21 -5.00 -22.56
C LEU A 74 -23.25 -4.35 -23.48
N LYS A 75 -23.32 -3.03 -23.50
CA LYS A 75 -24.24 -2.32 -24.38
C LYS A 75 -23.90 -2.67 -25.81
N ASP A 76 -22.64 -2.49 -26.17
CA ASP A 76 -22.13 -2.81 -27.51
C ASP A 76 -22.25 -4.28 -27.90
N LEU A 77 -21.91 -5.18 -27.00
CA LEU A 77 -22.06 -6.59 -27.31
C LEU A 77 -23.53 -6.95 -27.63
N LYS A 78 -24.45 -6.45 -26.83
CA LYS A 78 -25.87 -6.71 -27.02
C LYS A 78 -26.35 -6.12 -28.34
N ARG A 79 -25.81 -4.96 -28.70
CA ARG A 79 -26.08 -4.29 -29.98
C ARG A 79 -25.85 -5.26 -31.13
N ILE A 80 -24.71 -5.92 -31.07
CA ILE A 80 -24.32 -6.87 -32.07
C ILE A 80 -25.22 -8.10 -32.06
N THR A 81 -25.43 -8.70 -30.89
CA THR A 81 -26.28 -9.92 -30.81
C THR A 81 -27.74 -9.65 -31.17
N ASP A 82 -28.28 -8.53 -30.70
CA ASP A 82 -29.61 -8.08 -31.12
C ASP A 82 -29.72 -7.88 -32.65
N SER A 83 -28.68 -7.35 -33.30
CA SER A 83 -28.70 -7.18 -34.77
C SER A 83 -28.74 -8.48 -35.55
N ASP A 84 -28.42 -9.60 -34.90
CA ASP A 84 -28.61 -10.94 -35.48
C ASP A 84 -27.63 -11.22 -36.63
N VAL A 85 -26.54 -10.46 -36.62
CA VAL A 85 -25.51 -10.51 -37.66
C VAL A 85 -24.80 -11.87 -37.63
N LYS A 86 -24.34 -12.35 -38.80
CA LYS A 86 -23.71 -13.67 -38.93
C LYS A 86 -22.38 -13.66 -39.69
N GLY A 87 -21.68 -14.79 -39.61
CA GLY A 87 -20.51 -15.08 -40.43
C GLY A 87 -19.38 -14.06 -40.32
N ASP A 88 -18.68 -13.82 -41.43
CA ASP A 88 -17.54 -12.89 -41.46
C ASP A 88 -17.84 -11.48 -40.93
N LEU A 89 -19.00 -10.96 -41.31
CA LEU A 89 -19.51 -9.69 -40.79
C LEU A 89 -19.48 -9.67 -39.29
N PHE A 90 -20.04 -10.73 -38.70
CA PHE A 90 -20.18 -10.83 -37.26
C PHE A 90 -18.80 -10.83 -36.63
N VAL A 91 -17.95 -11.69 -37.15
CA VAL A 91 -16.59 -11.77 -36.63
C VAL A 91 -15.93 -10.37 -36.67
N LYS A 92 -15.92 -9.72 -37.82
CA LYS A 92 -15.26 -8.42 -37.96
C LYS A 92 -15.80 -7.36 -37.00
N GLU A 93 -17.12 -7.22 -36.95
CA GLU A 93 -17.74 -6.27 -36.03
C GLU A 93 -17.35 -6.53 -34.56
N LEU A 94 -17.36 -7.80 -34.18
CA LEU A 94 -17.11 -8.18 -32.80
C LEU A 94 -15.74 -7.74 -32.35
N PHE A 95 -14.74 -8.10 -33.15
CA PHE A 95 -13.36 -7.80 -32.80
C PHE A 95 -13.05 -6.31 -32.94
N TRP A 96 -13.65 -5.64 -33.91
CA TRP A 96 -13.56 -4.17 -33.97
C TRP A 96 -14.07 -3.61 -32.66
N MET A 97 -15.22 -4.11 -32.24
CA MET A 97 -15.89 -3.61 -31.07
C MET A 97 -15.02 -3.82 -29.82
N LEU A 98 -14.42 -5.00 -29.69
CA LEU A 98 -13.61 -5.27 -28.54
C LEU A 98 -12.48 -4.29 -28.51
N HIS A 99 -11.90 -4.07 -29.67
CA HIS A 99 -10.80 -3.18 -29.83
C HIS A 99 -11.18 -1.77 -29.41
N LEU A 100 -12.31 -1.32 -29.92
CA LEU A 100 -12.79 0.03 -29.63
C LEU A 100 -13.03 0.17 -28.17
N GLN A 101 -13.62 -0.86 -27.61
CA GLN A 101 -13.95 -0.86 -26.22
C GLN A 101 -12.75 -0.79 -25.36
N LYS A 102 -11.71 -1.52 -25.72
CA LYS A 102 -10.49 -1.48 -24.95
C LYS A 102 -9.93 -0.09 -24.98
N GLU A 103 -9.97 0.55 -26.15
CA GLU A 103 -9.48 1.92 -26.24
C GLU A 103 -10.29 2.88 -25.38
N THR A 104 -11.61 2.73 -25.43
CA THR A 104 -12.48 3.53 -24.60
C THR A 104 -12.10 3.34 -23.15
N PHE A 105 -11.95 2.09 -22.78
CA PHE A 105 -11.69 1.78 -21.40
C PHE A 105 -10.36 2.38 -20.96
N ALA A 106 -9.37 2.34 -21.84
CA ALA A 106 -8.08 2.91 -21.49
C ALA A 106 -8.29 4.33 -21.07
N THR A 107 -9.12 5.04 -21.83
CA THR A 107 -9.50 6.39 -21.46
C THR A 107 -10.04 6.45 -20.06
N TYR A 108 -11.05 5.66 -19.76
CA TYR A 108 -11.61 5.66 -18.41
C TYR A 108 -10.56 5.42 -17.34
N VAL A 109 -9.61 4.53 -17.61
CA VAL A 109 -8.57 4.23 -16.62
C VAL A 109 -7.68 5.43 -16.41
N ALA A 110 -7.17 6.00 -17.50
CA ALA A 110 -6.24 7.14 -17.41
C ALA A 110 -6.86 8.32 -16.64
N ARG A 111 -8.16 8.52 -16.87
CA ARG A 111 -8.93 9.52 -16.13
C ARG A 111 -8.94 9.15 -14.66
N PHE A 112 -9.23 7.88 -14.36
CA PHE A 112 -9.34 7.42 -12.97
C PHE A 112 -8.03 7.65 -12.25
N GLN A 113 -6.91 7.29 -12.89
CA GLN A 113 -5.59 7.50 -12.26
C GLN A 113 -5.35 8.96 -11.92
N LYS A 114 -5.67 9.84 -12.86
CA LYS A 114 -5.44 11.25 -12.68
C LYS A 114 -6.53 11.98 -11.83
N GLU A 115 -7.68 11.36 -11.57
CA GLU A 115 -8.74 12.04 -10.79
C GLU A 115 -9.25 11.31 -9.53
N ALA A 116 -9.47 10.00 -9.61
CA ALA A 116 -10.18 9.24 -8.53
C ALA A 116 -9.31 8.32 -7.64
N TYR A 117 -8.10 8.04 -8.10
CA TYR A 117 -7.14 7.24 -7.35
C TYR A 117 -6.53 8.12 -6.27
N CYS A 118 -6.64 7.70 -5.00
CA CYS A 118 -6.02 8.43 -3.88
C CYS A 118 -6.21 9.93 -4.00
N PRO A 119 -7.45 10.38 -4.02
CA PRO A 119 -7.73 11.79 -4.15
C PRO A 119 -7.43 12.60 -2.90
N ASN A 120 -7.22 11.98 -1.76
CA ASN A 120 -6.79 12.74 -0.58
C ASN A 120 -5.53 13.56 -0.87
N LYS A 121 -5.47 14.72 -0.25
CA LYS A 121 -4.38 15.67 -0.43
C LYS A 121 -3.50 15.75 0.81
N CYS A 122 -3.98 15.20 1.92
CA CYS A 122 -3.19 15.02 3.12
C CYS A 122 -3.66 13.71 3.78
N GLY A 123 -2.95 13.27 4.83
CA GLY A 123 -3.42 12.17 5.66
C GLY A 123 -3.40 10.84 4.94
N VAL A 124 -4.29 9.95 5.37
CA VAL A 124 -4.36 8.60 4.86
C VAL A 124 -5.77 8.19 4.56
N MET A 125 -6.03 7.90 3.30
CA MET A 125 -7.34 7.47 2.85
C MET A 125 -7.22 5.99 2.55
N LEU A 126 -8.16 5.19 3.02
CA LEU A 126 -8.19 3.79 2.63
C LEU A 126 -9.23 3.66 1.52
N GLN A 127 -8.84 3.22 0.33
CA GLN A 127 -9.84 3.06 -0.72
C GLN A 127 -9.75 1.68 -1.34
N THR A 128 -10.94 1.12 -1.59
CA THR A 128 -11.02 -0.19 -2.19
C THR A 128 -10.67 -0.08 -3.65
N LEU A 129 -9.83 -0.98 -4.12
CA LEU A 129 -9.48 -1.08 -5.52
C LEU A 129 -9.57 -2.51 -5.95
N ILE A 130 -9.65 -2.72 -7.26
CA ILE A 130 -9.62 -4.06 -7.83
C ILE A 130 -8.35 -4.23 -8.62
N TRP A 131 -7.63 -5.32 -8.38
CA TRP A 131 -6.36 -5.57 -9.08
C TRP A 131 -6.68 -6.37 -10.30
N CYS A 132 -6.26 -5.86 -11.46
CA CYS A 132 -6.71 -6.36 -12.76
C CYS A 132 -6.13 -7.70 -13.06
N LYS A 133 -4.91 -7.91 -12.61
CA LYS A 133 -4.21 -9.11 -12.96
C LYS A 133 -4.86 -10.32 -12.39
N ASN A 134 -5.50 -10.17 -11.25
CA ASN A 134 -6.09 -11.34 -10.58
C ASN A 134 -7.56 -11.23 -10.14
N CYS A 135 -8.23 -10.13 -10.52
CA CYS A 135 -9.58 -9.77 -10.07
C CYS A 135 -9.82 -9.69 -8.55
N LYS A 136 -8.73 -9.57 -7.80
CA LYS A 136 -8.81 -9.60 -6.37
C LYS A 136 -9.13 -8.16 -5.89
N LYS A 137 -10.15 -8.03 -5.05
CA LYS A 137 -10.60 -6.73 -4.55
C LYS A 137 -10.12 -6.50 -3.13
N GLU A 138 -9.24 -5.54 -2.94
CA GLU A 138 -8.71 -5.25 -1.62
C GLU A 138 -8.49 -3.78 -1.36
N VAL A 139 -8.29 -3.44 -0.10
CA VAL A 139 -8.21 -2.05 0.30
C VAL A 139 -6.78 -1.54 0.28
N HIS A 140 -6.58 -0.40 -0.36
CA HIS A 140 -5.28 0.22 -0.49
C HIS A 140 -5.23 1.45 0.38
N ALA A 141 -4.06 1.69 0.99
CA ALA A 141 -3.84 2.86 1.82
C ALA A 141 -3.13 3.93 1.02
N CYS A 142 -3.79 5.07 0.86
CA CYS A 142 -3.28 6.18 0.09
C CYS A 142 -2.61 7.07 1.12
N ARG A 143 -1.29 7.15 1.14
CA ARG A 143 -0.62 7.93 2.18
C ARG A 143 -0.07 9.18 1.60
N LYS A 144 -0.61 10.34 1.98
CA LYS A 144 -0.14 11.59 1.41
C LYS A 144 0.79 12.35 2.32
N SER A 145 0.41 12.49 3.58
CA SER A 145 1.19 13.31 4.48
C SER A 145 0.82 12.89 5.85
N TYR A 146 1.77 13.02 6.76
CA TYR A 146 1.48 12.67 8.13
C TYR A 146 0.44 13.61 8.68
N ASP A 147 0.59 14.87 8.28
CA ASP A 147 -0.26 15.97 8.72
C ASP A 147 -1.38 16.29 7.77
N CYS A 148 -2.28 17.13 8.26
CA CYS A 148 -3.16 17.95 7.40
C CYS A 148 -3.02 19.45 7.64
N GLY A 149 -2.22 19.83 8.63
CA GLY A 149 -1.78 21.20 8.79
C GLY A 149 -2.67 22.00 9.71
N GLU A 150 -2.17 23.16 10.10
CA GLU A 150 -2.83 23.96 11.12
C GLU A 150 -4.01 24.73 10.55
N ARG A 151 -5.04 24.92 11.38
CA ARG A 151 -6.07 25.93 11.13
C ARG A 151 -5.90 27.09 12.11
N ASN A 152 -5.68 28.31 11.62
CA ASN A 152 -5.80 29.48 12.50
C ASN A 152 -7.27 29.91 12.57
N VAL A 153 -7.86 29.96 13.77
CA VAL A 153 -9.29 30.32 13.92
C VAL A 153 -9.43 31.40 14.96
N GLU A 154 -10.09 32.51 14.61
CA GLU A 154 -10.43 33.61 15.53
C GLU A 154 -11.94 33.66 15.72
N VAL A 155 -12.40 33.63 16.95
CA VAL A 155 -13.83 33.60 17.25
C VAL A 155 -14.21 34.83 18.05
N PRO A 156 -15.22 35.59 17.56
CA PRO A 156 -15.74 36.69 18.34
C PRO A 156 -16.23 36.22 19.70
N GLN A 157 -15.83 36.94 20.75
CA GLN A 157 -16.23 36.65 22.12
C GLN A 157 -17.74 36.49 22.14
N MET A 158 -18.20 35.43 22.81
CA MET A 158 -19.61 35.16 23.02
C MET A 158 -20.44 34.72 21.78
N GLU A 159 -19.80 34.56 20.62
CA GLU A 159 -20.35 33.68 19.56
C GLU A 159 -19.91 32.23 19.78
N ASP A 160 -20.39 31.32 18.93
CA ASP A 160 -20.03 29.89 19.02
C ASP A 160 -18.78 29.55 18.20
N MET A 161 -17.90 28.74 18.78
CA MET A 161 -16.69 28.23 18.10
C MET A 161 -17.07 26.91 17.46
N ILE A 162 -16.85 26.79 16.16
CA ILE A 162 -17.07 25.53 15.44
C ILE A 162 -15.71 25.13 14.88
N LEU A 163 -15.20 23.96 15.26
CA LEU A 163 -13.98 23.45 14.66
C LEU A 163 -14.38 22.35 13.72
N ASP A 164 -14.03 22.46 12.44
CA ASP A 164 -14.47 21.49 11.43
C ASP A 164 -13.32 20.58 11.06
N CYS A 165 -13.45 19.29 11.38
CA CYS A 165 -12.39 18.32 11.03
C CYS A 165 -12.62 17.62 9.69
N GLU A 166 -13.78 17.80 9.07
CA GLU A 166 -14.13 17.11 7.85
C GLU A 166 -13.32 17.58 6.64
N LEU A 167 -12.87 16.61 5.86
CA LEU A 167 -12.28 16.83 4.54
C LEU A 167 -13.17 16.17 3.49
N ASN A 168 -13.01 16.62 2.26
CA ASN A 168 -13.85 16.18 1.17
C ASN A 168 -13.91 14.68 1.07
N TRP A 169 -12.73 14.08 1.11
CA TRP A 169 -12.57 12.65 0.86
C TRP A 169 -13.03 11.70 1.96
N HIS A 170 -13.22 12.23 3.16
CA HIS A 170 -13.63 11.41 4.30
C HIS A 170 -14.82 10.49 4.05
N GLN A 171 -15.90 11.03 3.50
CA GLN A 171 -17.11 10.25 3.36
C GLN A 171 -16.90 8.99 2.52
N ALA A 172 -15.99 9.08 1.55
CA ALA A 172 -15.73 7.96 0.63
C ALA A 172 -14.75 6.95 1.17
N SER A 173 -13.83 7.40 2.03
CA SER A 173 -12.84 6.53 2.63
C SER A 173 -13.49 5.43 3.43
N GLU A 174 -12.82 4.30 3.47
CA GLU A 174 -13.27 3.17 4.24
C GLU A 174 -12.43 3.11 5.50
N GLY A 175 -12.87 2.29 6.44
CA GLY A 175 -12.15 2.01 7.69
C GLY A 175 -11.89 3.19 8.60
N LEU A 176 -12.87 4.08 8.73
CA LEU A 176 -12.75 5.24 9.61
C LEU A 176 -13.64 5.02 10.81
N THR A 177 -13.28 5.62 11.92
CA THR A 177 -13.95 5.32 13.17
C THR A 177 -14.55 6.61 13.70
N ASP A 178 -13.80 7.34 14.52
CA ASP A 178 -14.31 8.47 15.26
C ASP A 178 -13.40 9.68 15.16
N TYR A 179 -14.04 10.85 15.18
CA TYR A 179 -13.35 12.12 15.31
C TYR A 179 -13.08 12.42 16.80
N SER A 180 -11.81 12.50 17.18
CA SER A 180 -11.40 12.83 18.56
C SER A 180 -10.88 14.24 18.60
N PHE A 181 -11.34 15.04 19.55
CA PHE A 181 -10.86 16.40 19.71
C PHE A 181 -10.13 16.53 21.05
N TYR A 182 -8.88 17.01 20.99
CA TYR A 182 -8.02 17.20 22.18
C TYR A 182 -7.70 18.68 22.39
N ARG A 183 -7.69 19.15 23.65
CA ARG A 183 -7.07 20.46 24.00
C ARG A 183 -5.61 20.21 24.34
N VAL A 184 -4.71 21.06 23.84
CA VAL A 184 -3.27 20.90 24.03
C VAL A 184 -2.79 22.04 24.93
N TRP A 185 -2.53 21.69 26.18
CA TRP A 185 -2.14 22.64 27.22
C TRP A 185 -0.64 22.98 27.10
N GLY A 186 -0.28 24.20 27.50
CA GLY A 186 1.12 24.67 27.51
C GLY A 186 2.09 23.87 28.37
N ASN A 187 1.58 23.10 29.34
CA ASN A 187 2.38 22.16 30.15
C ASN A 187 2.60 20.76 29.51
N ASN A 188 2.42 20.65 28.19
CA ASN A 188 2.65 19.43 27.42
C ASN A 188 1.75 18.24 27.80
N THR A 189 0.55 18.52 28.33
CA THR A 189 -0.47 17.49 28.51
C THR A 189 -1.62 17.83 27.58
N GLU A 190 -2.53 16.86 27.46
CA GLU A 190 -3.74 16.98 26.65
C GLU A 190 -4.95 16.48 27.41
N THR A 191 -6.13 16.89 26.98
CA THR A 191 -7.37 16.32 27.48
C THR A 191 -8.23 16.04 26.29
N LEU A 192 -8.76 14.82 26.24
CA LEU A 192 -9.76 14.47 25.24
C LEU A 192 -11.09 15.11 25.64
N VAL A 193 -11.61 16.00 24.81
CA VAL A 193 -12.85 16.73 25.14
C VAL A 193 -14.12 16.18 24.45
N SER A 194 -13.96 15.52 23.31
CA SER A 194 -15.06 14.82 22.63
C SER A 194 -14.50 13.73 21.72
N LYS A 195 -15.31 12.71 21.47
CA LYS A 195 -14.91 11.53 20.66
C LYS A 195 -16.17 10.87 20.11
N GLY A 196 -16.42 11.05 18.82
CA GLY A 196 -17.71 10.66 18.24
C GLY A 196 -17.73 10.72 16.72
N LYS A 197 -18.92 10.50 16.16
CA LYS A 197 -19.06 10.51 14.72
C LYS A 197 -19.17 11.91 14.18
N GLU A 198 -19.37 12.90 15.05
CA GLU A 198 -19.50 14.29 14.64
C GLU A 198 -18.16 14.82 14.16
N ALA A 199 -18.12 15.37 12.95
CA ALA A 199 -16.87 15.88 12.36
C ALA A 199 -16.50 17.26 12.86
N THR A 200 -17.43 17.95 13.53
CA THR A 200 -17.17 19.27 14.07
C THR A 200 -17.28 19.26 15.57
N LEU A 201 -16.57 20.19 16.21
CA LEU A 201 -16.73 20.48 17.62
C LEU A 201 -17.39 21.85 17.78
N THR A 202 -18.52 21.92 18.45
CA THR A 202 -19.15 23.21 18.78
C THR A 202 -18.97 23.52 20.26
N LYS A 203 -18.38 24.68 20.56
CA LYS A 203 -18.30 25.21 21.92
C LYS A 203 -19.00 26.56 21.95
N PRO A 204 -20.15 26.65 22.64
CA PRO A 204 -20.97 27.85 22.46
C PRO A 204 -20.50 29.01 23.32
N MET A 205 -20.91 30.22 22.95
CA MET A 205 -20.69 31.44 23.74
C MET A 205 -19.33 31.55 24.43
N VAL A 206 -18.32 31.71 23.61
CA VAL A 206 -16.94 31.51 24.02
C VAL A 206 -16.41 32.65 24.89
N GLY A 207 -15.52 32.30 25.83
CA GLY A 207 -14.74 33.28 26.60
C GLY A 207 -13.24 33.11 26.38
N PRO A 208 -12.40 34.02 26.93
CA PRO A 208 -10.93 33.93 26.77
C PRO A 208 -10.30 32.58 27.16
N GLU A 209 -10.83 31.97 28.21
CA GLU A 209 -10.45 30.61 28.67
C GLU A 209 -10.51 29.47 27.63
N ASP A 210 -11.29 29.66 26.56
CA ASP A 210 -11.40 28.69 25.46
C ASP A 210 -10.37 28.89 24.33
N ALA A 211 -9.54 29.94 24.39
CA ALA A 211 -8.44 30.12 23.43
C ALA A 211 -7.32 29.08 23.62
N GLY A 212 -6.47 28.93 22.61
CA GLY A 212 -5.31 28.03 22.67
C GLY A 212 -5.29 26.95 21.59
N SER A 213 -4.62 25.83 21.87
CA SER A 213 -4.44 24.76 20.88
C SER A 213 -5.43 23.62 21.03
N TYR A 214 -5.95 23.18 19.90
CA TYR A 214 -6.82 22.00 19.81
C TYR A 214 -6.27 21.07 18.70
N ARG A 215 -6.59 19.78 18.77
CA ARG A 215 -6.16 18.81 17.75
C ARG A 215 -7.27 17.84 17.47
N CYS A 216 -7.53 17.60 16.18
CA CYS A 216 -8.46 16.58 15.73
C CYS A 216 -7.72 15.36 15.23
N GLU A 217 -8.24 14.19 15.62
CA GLU A 217 -7.76 12.90 15.12
C GLU A 217 -8.96 12.14 14.62
N LEU A 218 -8.98 11.85 13.32
CA LEU A 218 -9.98 10.95 12.76
C LEU A 218 -9.39 9.57 12.81
N GLY A 219 -10.02 8.69 13.57
CA GLY A 219 -9.46 7.39 13.86
C GLY A 219 -9.72 6.40 12.74
N SER A 220 -8.91 5.36 12.73
CA SER A 220 -8.85 4.37 11.67
C SER A 220 -9.02 2.99 12.28
N VAL A 221 -9.57 2.07 11.52
CA VAL A 221 -9.66 0.68 11.98
C VAL A 221 -8.26 0.16 12.22
N ASN A 222 -7.30 0.72 11.48
CA ASN A 222 -5.92 0.39 11.64
C ASN A 222 -5.35 0.97 12.89
N SER A 223 -4.06 0.74 13.04
CA SER A 223 -3.27 1.25 14.14
C SER A 223 -3.15 2.79 14.25
N SER A 224 -3.17 3.53 13.16
CA SER A 224 -2.91 4.98 13.22
C SER A 224 -4.08 5.85 12.70
N PRO A 225 -4.08 7.18 13.04
CA PRO A 225 -5.21 7.99 12.57
C PRO A 225 -5.14 8.32 11.08
N ALA A 226 -6.31 8.60 10.53
CA ALA A 226 -6.49 8.91 9.09
C ALA A 226 -6.27 10.36 8.75
N THR A 227 -6.58 11.23 9.71
CA THR A 227 -6.44 12.66 9.54
C THR A 227 -6.03 13.23 10.89
N ILE A 228 -5.03 14.10 10.86
CA ILE A 228 -4.72 14.91 12.01
C ILE A 228 -4.80 16.37 11.57
N ILE A 229 -5.66 17.14 12.24
CA ILE A 229 -5.71 18.59 12.01
C ILE A 229 -5.46 19.31 13.33
N ASN A 230 -4.54 20.29 13.33
CA ASN A 230 -4.33 21.17 14.49
C ASN A 230 -5.02 22.54 14.32
N PHE A 231 -5.69 22.99 15.37
CA PHE A 231 -6.39 24.28 15.36
C PHE A 231 -5.77 25.20 16.38
N HIS A 232 -5.50 26.45 16.02
CA HIS A 232 -5.09 27.46 16.99
C HIS A 232 -6.19 28.48 17.12
N VAL A 233 -6.78 28.55 18.33
CA VAL A 233 -7.93 29.43 18.58
C VAL A 233 -7.54 30.76 19.28
N THR A 234 -7.90 31.86 18.64
CA THR A 234 -7.86 33.21 19.19
C THR A 234 -9.28 33.62 19.55
N VAL A 235 -9.46 34.22 20.73
CA VAL A 235 -10.75 34.83 21.11
C VAL A 235 -10.70 36.37 20.97
N LEU A 236 -11.49 36.92 20.06
CA LEU A 236 -11.49 38.37 19.80
C LEU A 236 -12.44 39.08 20.79
N PRO A 237 -11.91 39.93 21.70
CA PRO A 237 -12.81 40.60 22.66
C PRO A 237 -13.75 41.62 22.01
N PRO B 3 33.82 -10.57 25.73
CA PRO B 3 33.37 -11.87 26.25
C PRO B 3 31.86 -12.09 25.98
N TRP B 4 31.03 -11.22 26.55
CA TRP B 4 29.67 -11.03 26.10
C TRP B 4 29.72 -9.68 25.42
N GLY B 5 29.15 -9.58 24.22
CA GLY B 5 29.40 -8.39 23.42
C GLY B 5 28.48 -7.23 23.75
N ASP B 6 28.54 -6.67 24.96
CA ASP B 6 27.62 -5.57 25.36
C ASP B 6 27.92 -4.29 24.60
N GLU B 7 29.19 -4.14 24.21
CA GLU B 7 29.62 -3.25 23.10
C GLU B 7 28.57 -3.26 21.93
N LEU B 8 28.13 -4.48 21.60
CA LEU B 8 27.32 -4.77 20.43
C LEU B 8 25.80 -4.89 20.71
N LEU B 9 25.36 -4.49 21.89
CA LEU B 9 23.97 -4.64 22.28
C LEU B 9 23.36 -3.29 22.45
N ASN B 10 22.11 -3.19 22.04
CA ASN B 10 21.32 -2.01 22.32
C ASN B 10 21.94 -0.75 21.70
N ILE B 11 22.33 -0.91 20.44
CA ILE B 11 22.95 0.15 19.68
C ILE B 11 22.24 0.32 18.34
N CYS B 12 22.51 1.45 17.70
CA CYS B 12 21.98 1.74 16.37
C CYS B 12 23.14 1.88 15.40
N MET B 13 22.97 1.41 14.18
CA MET B 13 23.98 1.60 13.16
C MET B 13 24.15 3.11 12.85
N ASN B 14 25.35 3.51 12.40
CA ASN B 14 25.57 4.87 11.88
C ASN B 14 25.24 4.93 10.39
N ALA B 15 23.95 4.91 10.05
CA ALA B 15 23.49 5.17 8.70
C ALA B 15 22.66 6.44 8.71
N LYS B 16 22.32 6.95 7.53
CA LYS B 16 21.82 8.32 7.43
C LYS B 16 20.53 8.60 8.18
N HIS B 17 19.66 7.60 8.35
CA HIS B 17 18.35 7.85 8.99
C HIS B 17 18.29 7.45 10.44
N HIS B 18 19.29 6.71 10.90
CA HIS B 18 19.17 6.10 12.20
C HIS B 18 19.40 7.10 13.29
N LYS B 19 18.72 6.89 14.41
CA LYS B 19 19.08 7.58 15.65
C LYS B 19 20.51 7.19 16.05
N ARG B 20 21.26 8.11 16.64
CA ARG B 20 22.62 7.78 17.04
C ARG B 20 22.62 6.76 18.17
N VAL B 21 21.61 6.85 19.04
CA VAL B 21 21.41 5.87 20.10
C VAL B 21 19.92 5.50 20.25
N PRO B 22 19.62 4.25 20.65
CA PRO B 22 18.20 3.89 20.81
C PRO B 22 17.57 4.54 22.03
N SER B 23 16.26 4.77 22.00
CA SER B 23 15.51 5.20 23.18
C SER B 23 14.02 5.08 22.90
N PRO B 24 13.16 5.02 23.94
CA PRO B 24 11.72 4.86 23.70
C PRO B 24 11.10 5.98 22.86
N GLU B 25 10.00 5.66 22.17
CA GLU B 25 9.21 6.63 21.41
C GLU B 25 7.75 6.67 21.88
N ASP B 26 7.22 7.89 21.98
CA ASP B 26 5.82 8.10 22.34
C ASP B 26 4.93 7.49 21.26
N LYS B 27 5.36 7.62 20.03
CA LYS B 27 4.48 7.35 18.91
C LYS B 27 5.31 6.95 17.68
N LEU B 28 4.96 5.81 17.10
CA LEU B 28 5.53 5.35 15.82
C LEU B 28 4.36 4.97 14.90
N TYR B 29 4.58 5.05 13.61
CA TYR B 29 3.53 4.82 12.63
C TYR B 29 3.31 3.31 12.33
N GLU B 30 2.07 2.86 12.45
CA GLU B 30 1.63 1.53 12.01
C GLU B 30 2.62 0.35 12.28
N GLU B 31 3.21 -0.15 11.20
CA GLU B 31 4.03 -1.32 11.21
C GLU B 31 5.28 -1.21 12.07
N CYS B 32 5.74 0.02 12.32
CA CYS B 32 6.87 0.23 13.21
C CYS B 32 6.55 0.22 14.73
N ILE B 33 5.29 0.13 15.10
CA ILE B 33 4.90 0.21 16.53
C ILE B 33 5.55 -0.82 17.47
N PRO B 34 5.83 -2.04 17.00
CA PRO B 34 6.47 -3.01 17.92
C PRO B 34 7.78 -2.54 18.58
N TRP B 35 8.46 -1.58 17.94
CA TRP B 35 9.72 -1.06 18.42
C TRP B 35 9.60 0.19 19.31
N LYS B 36 8.38 0.64 19.61
CA LYS B 36 8.09 1.80 20.50
C LYS B 36 8.97 1.80 21.75
N ASP B 37 8.97 0.65 22.42
CA ASP B 37 9.70 0.47 23.71
C ASP B 37 11.08 1.13 23.72
N ASN B 38 11.79 0.97 22.59
CA ASN B 38 13.19 1.32 22.47
C ASN B 38 13.56 1.21 20.98
N ALA B 39 13.67 2.35 20.32
CA ALA B 39 13.74 2.44 18.85
C ALA B 39 14.97 3.19 18.36
N CYS B 40 15.43 2.81 17.16
CA CYS B 40 16.49 3.48 16.42
C CYS B 40 15.89 4.38 15.35
N CYS B 41 14.56 4.45 15.31
CA CYS B 41 13.84 5.29 14.35
C CYS B 41 13.03 6.38 15.06
N THR B 42 13.00 7.55 14.46
CA THR B 42 12.07 8.59 14.88
C THR B 42 10.71 8.32 14.27
N LEU B 43 9.70 8.98 14.80
CA LEU B 43 8.36 9.00 14.21
C LEU B 43 8.44 9.30 12.73
N THR B 44 9.11 10.38 12.34
CA THR B 44 9.27 10.72 10.91
C THR B 44 9.78 9.55 10.08
N THR B 45 10.83 8.88 10.56
CA THR B 45 11.37 7.72 9.86
C THR B 45 10.31 6.63 9.67
N SER B 46 9.58 6.33 10.76
CA SER B 46 8.59 5.25 10.74
C SER B 46 7.47 5.60 9.77
N TRP B 47 7.08 6.85 9.76
CA TRP B 47 6.12 7.30 8.77
C TRP B 47 6.69 7.14 7.35
N GLU B 48 7.91 7.59 7.13
CA GLU B 48 8.50 7.57 5.80
C GLU B 48 8.63 6.14 5.25
N ALA B 49 8.71 5.16 6.13
CA ALA B 49 8.75 3.74 5.75
C ALA B 49 7.51 3.29 5.00
N HIS B 50 6.37 3.92 5.27
CA HIS B 50 5.11 3.54 4.61
C HIS B 50 4.78 4.28 3.32
N LEU B 51 5.60 5.24 2.95
CA LEU B 51 5.36 6.04 1.75
C LEU B 51 5.64 5.27 0.48
N ASP B 52 4.76 5.48 -0.50
CA ASP B 52 4.98 5.07 -1.87
C ASP B 52 6.25 5.81 -2.29
N VAL B 53 7.26 5.08 -2.75
CA VAL B 53 8.51 5.72 -3.14
C VAL B 53 9.05 6.48 -1.94
N SER B 54 9.27 5.69 -0.88
CA SER B 54 9.67 6.24 0.41
C SER B 54 10.99 6.97 0.21
N PRO B 55 11.06 8.20 0.70
CA PRO B 55 12.21 9.08 0.48
C PRO B 55 13.50 8.51 1.08
N LEU B 56 13.34 7.53 1.97
CA LEU B 56 14.45 6.81 2.56
C LEU B 56 15.43 6.23 1.53
N TYR B 57 14.91 5.61 0.47
CA TYR B 57 15.75 4.92 -0.55
C TYR B 57 15.50 5.31 -2.00
N ASN B 58 14.44 6.09 -2.23
CA ASN B 58 13.85 6.32 -3.56
C ASN B 58 13.76 5.08 -4.45
N PHE B 59 13.33 3.98 -3.85
CA PHE B 59 13.19 2.71 -4.54
C PHE B 59 11.70 2.40 -4.61
N SER B 60 11.18 2.25 -5.82
CA SER B 60 9.74 2.07 -6.03
C SER B 60 9.36 0.59 -5.94
N LEU B 61 8.35 0.33 -5.12
CA LEU B 61 7.71 -0.97 -5.08
C LEU B 61 6.72 -1.17 -6.24
N PHE B 62 6.22 -0.07 -6.82
CA PHE B 62 5.15 -0.14 -7.85
C PHE B 62 5.71 -0.44 -9.23
N HIS B 63 7.01 -0.43 -9.40
CA HIS B 63 7.62 -0.62 -10.73
C HIS B 63 6.96 -1.59 -11.73
N CYS B 64 6.28 -2.63 -11.25
CA CYS B 64 5.48 -3.48 -12.15
C CYS B 64 3.98 -3.26 -11.94
N GLY B 65 3.58 -2.10 -11.43
CA GLY B 65 2.26 -1.89 -10.86
C GLY B 65 2.16 -2.05 -9.33
N LEU B 66 1.22 -1.31 -8.76
CA LEU B 66 0.85 -1.42 -7.34
C LEU B 66 0.84 -2.86 -6.82
N LEU B 67 1.55 -3.14 -5.72
CA LEU B 67 1.53 -4.48 -5.12
C LEU B 67 0.25 -4.68 -4.33
N MET B 68 -0.16 -5.93 -4.27
CA MET B 68 -1.22 -6.33 -3.37
C MET B 68 -0.89 -5.84 -1.95
N PRO B 69 -1.90 -5.45 -1.18
CA PRO B 69 -1.58 -4.80 0.09
C PRO B 69 -0.84 -5.70 1.04
N GLY B 70 -1.25 -6.96 1.10
CA GLY B 70 -0.53 -7.99 1.82
C GLY B 70 0.95 -8.02 1.52
N CYS B 71 1.32 -7.89 0.23
CA CYS B 71 2.73 -7.83 -0.14
C CYS B 71 3.37 -6.51 0.30
N ARG B 72 2.67 -5.41 0.09
CA ARG B 72 3.23 -4.11 0.52
C ARG B 72 3.58 -4.15 2.01
N LYS B 73 2.70 -4.75 2.80
CA LYS B 73 2.87 -4.84 4.25
C LYS B 73 4.21 -5.48 4.63
N HIS B 74 4.53 -6.60 3.98
CA HIS B 74 5.77 -7.31 4.25
C HIS B 74 6.97 -6.43 4.04
N PHE B 75 6.99 -5.71 2.93
CA PHE B 75 8.14 -4.89 2.60
C PHE B 75 8.30 -3.78 3.63
N ILE B 76 7.18 -3.23 4.07
CA ILE B 76 7.22 -2.08 4.95
C ILE B 76 7.76 -2.55 6.29
N GLN B 77 7.28 -3.71 6.72
CA GLN B 77 7.74 -4.30 7.96
C GLN B 77 9.22 -4.50 7.93
N ALA B 78 9.72 -5.06 6.82
CA ALA B 78 11.17 -5.20 6.62
C ALA B 78 11.87 -3.86 6.88
N ILE B 79 11.32 -2.77 6.32
CA ILE B 79 11.91 -1.44 6.52
C ILE B 79 11.90 -1.04 7.99
N CYS B 80 10.76 -1.21 8.65
CA CYS B 80 10.64 -0.85 10.07
C CYS B 80 11.71 -1.53 10.90
N PHE B 81 11.82 -2.84 10.68
CA PHE B 81 12.85 -3.67 11.27
C PHE B 81 14.25 -3.10 11.11
N TYR B 82 14.67 -2.89 9.86
CA TYR B 82 16.00 -2.33 9.57
C TYR B 82 16.19 -0.99 10.26
N GLU B 83 15.16 -0.16 10.27
CA GLU B 83 15.32 1.23 10.69
C GLU B 83 15.18 1.38 12.18
N CYS B 84 14.38 0.51 12.81
CA CYS B 84 13.98 0.67 14.21
C CYS B 84 14.64 -0.30 15.19
N SER B 85 15.06 -1.47 14.73
CA SER B 85 15.63 -2.49 15.62
C SER B 85 16.90 -2.03 16.33
N PRO B 86 16.93 -2.13 17.67
CA PRO B 86 18.15 -1.89 18.44
C PRO B 86 18.98 -3.19 18.70
N ASN B 87 18.63 -4.28 18.04
CA ASN B 87 19.19 -5.57 18.33
C ASN B 87 19.93 -6.11 17.12
N LEU B 88 20.62 -5.23 16.42
CA LEU B 88 21.32 -5.61 15.21
C LEU B 88 22.83 -5.53 15.34
N GLY B 89 23.35 -5.09 16.49
CA GLY B 89 24.80 -4.91 16.65
C GLY B 89 25.68 -5.98 15.99
N PRO B 90 25.46 -7.26 16.34
CA PRO B 90 26.28 -8.34 15.77
C PRO B 90 26.37 -8.37 14.26
N TRP B 91 25.42 -7.78 13.54
CA TRP B 91 25.47 -7.82 12.08
C TRP B 91 25.96 -6.52 11.43
N ILE B 92 26.28 -5.53 12.25
CA ILE B 92 26.77 -4.26 11.74
C ILE B 92 28.15 -4.43 11.11
N GLN B 93 28.32 -3.75 9.97
CA GLN B 93 29.60 -3.62 9.32
C GLN B 93 29.71 -2.26 8.63
N PRO B 94 30.92 -1.67 8.63
CA PRO B 94 31.15 -0.51 7.74
C PRO B 94 31.30 -0.94 6.28
N VAL B 95 30.96 -0.06 5.34
CA VAL B 95 30.99 -0.42 3.92
C VAL B 95 32.33 0.01 3.35
N GLY B 108 30.00 5.08 9.33
CA GLY B 108 29.11 4.91 8.17
C GLY B 108 28.86 3.44 7.94
N GLU B 109 27.75 2.94 8.48
CA GLU B 109 27.59 1.49 8.71
C GLU B 109 26.33 0.88 8.13
N ARG B 110 26.44 -0.37 7.75
CA ARG B 110 25.36 -1.14 7.17
C ARG B 110 25.21 -2.43 7.98
N VAL B 111 24.44 -3.36 7.45
CA VAL B 111 24.17 -4.60 8.12
C VAL B 111 24.24 -5.73 7.11
N VAL B 112 24.82 -6.85 7.53
CA VAL B 112 25.08 -7.95 6.60
C VAL B 112 24.63 -9.30 7.17
N ASN B 113 23.85 -10.02 6.37
CA ASN B 113 23.40 -11.37 6.70
C ASN B 113 22.69 -11.53 8.07
N VAL B 114 21.75 -10.64 8.34
CA VAL B 114 20.92 -10.81 9.52
C VAL B 114 20.00 -12.02 9.29
N PRO B 115 20.06 -13.02 10.17
CA PRO B 115 19.27 -14.24 9.99
C PRO B 115 17.77 -14.08 10.30
N LEU B 116 16.96 -14.06 9.24
CA LEU B 116 15.52 -13.91 9.41
C LEU B 116 14.97 -15.30 9.50
N CYS B 117 14.15 -15.54 10.53
CA CYS B 117 13.57 -16.88 10.75
C CYS B 117 12.84 -17.35 9.51
N GLN B 118 12.79 -18.65 9.33
CA GLN B 118 12.15 -19.22 8.16
C GLN B 118 10.68 -18.78 7.97
N GLU B 119 9.92 -18.68 9.08
CA GLU B 119 8.51 -18.23 8.99
C GLU B 119 8.39 -16.83 8.42
N ASP B 120 9.30 -15.96 8.84
CA ASP B 120 9.33 -14.60 8.36
C ASP B 120 9.52 -14.62 6.85
N CYS B 121 10.52 -15.35 6.37
CA CYS B 121 10.73 -15.43 4.92
C CYS B 121 9.61 -16.18 4.20
N GLU B 122 8.99 -17.17 4.84
CA GLU B 122 7.97 -17.98 4.18
C GLU B 122 6.67 -17.22 3.97
N GLU B 123 6.18 -16.61 5.04
CA GLU B 123 5.00 -15.73 4.99
C GLU B 123 5.19 -14.60 3.97
N TRP B 124 6.37 -14.00 3.95
CA TRP B 124 6.64 -12.92 3.00
C TRP B 124 6.49 -13.44 1.58
N TRP B 125 7.17 -14.53 1.31
CA TRP B 125 7.13 -15.13 -0.02
C TRP B 125 5.70 -15.50 -0.44
N GLU B 126 4.99 -16.11 0.51
CA GLU B 126 3.63 -16.60 0.36
C GLU B 126 2.67 -15.47 -0.02
N ASP B 127 2.76 -14.38 0.74
CA ASP B 127 1.87 -13.22 0.56
C ASP B 127 2.19 -12.35 -0.65
N CYS B 128 3.38 -12.48 -1.22
CA CYS B 128 3.74 -11.75 -2.44
C CYS B 128 3.59 -12.56 -3.74
N ARG B 129 3.14 -13.82 -3.64
CA ARG B 129 3.10 -14.72 -4.81
C ARG B 129 2.32 -14.16 -6.00
N MET B 130 1.20 -13.51 -5.70
CA MET B 130 0.28 -12.95 -6.68
C MET B 130 0.80 -11.65 -7.26
N SER B 131 1.64 -10.94 -6.50
CA SER B 131 2.13 -9.61 -6.90
C SER B 131 3.21 -9.82 -7.96
N TYR B 132 3.61 -8.74 -8.65
CA TYR B 132 4.40 -8.82 -9.86
C TYR B 132 5.64 -7.96 -9.78
N THR B 133 6.75 -8.47 -10.34
CA THR B 133 8.01 -7.73 -10.52
C THR B 133 8.66 -8.09 -11.85
N CYS B 134 9.76 -7.39 -12.19
CA CYS B 134 10.50 -7.62 -13.45
C CYS B 134 11.95 -8.18 -13.33
N LYS B 135 12.49 -8.28 -12.11
CA LYS B 135 13.91 -8.65 -11.88
C LYS B 135 14.03 -9.56 -10.68
N SER B 136 15.14 -10.30 -10.61
CA SER B 136 15.42 -11.17 -9.45
C SER B 136 16.59 -10.72 -8.57
N ASN B 137 17.36 -9.72 -9.02
CA ASN B 137 18.30 -9.02 -8.15
C ASN B 137 17.96 -7.56 -8.18
N TRP B 138 17.23 -7.13 -7.16
CA TRP B 138 16.87 -5.73 -7.00
C TRP B 138 18.04 -4.83 -6.57
N ARG B 139 19.15 -5.42 -6.13
CA ARG B 139 20.34 -4.66 -5.70
C ARG B 139 20.94 -3.73 -6.75
N GLY B 140 20.72 -4.02 -8.05
CA GLY B 140 21.12 -3.10 -9.11
C GLY B 140 20.66 -3.50 -10.50
N GLY B 141 20.98 -2.66 -11.48
CA GLY B 141 20.65 -2.89 -12.90
C GLY B 141 19.27 -2.42 -13.33
N TRP B 142 18.82 -1.31 -12.74
CA TRP B 142 17.49 -0.73 -13.03
C TRP B 142 17.63 0.41 -14.02
N ASP B 143 16.53 0.74 -14.68
CA ASP B 143 16.41 1.97 -15.47
C ASP B 143 16.00 3.10 -14.52
N TRP B 144 16.91 4.04 -14.31
CA TRP B 144 16.86 5.02 -13.20
C TRP B 144 16.44 6.44 -13.59
N SER B 145 15.95 6.61 -14.81
CA SER B 145 15.84 7.92 -15.46
C SER B 145 14.84 8.91 -14.86
N GLN B 146 13.76 8.40 -14.27
CA GLN B 146 12.72 9.28 -13.72
C GLN B 146 13.02 9.83 -12.31
N GLY B 147 14.19 9.49 -11.76
CA GLY B 147 14.54 9.77 -10.37
C GLY B 147 14.32 8.52 -9.54
N LYS B 148 13.37 7.69 -9.97
CA LYS B 148 13.01 6.41 -9.39
C LYS B 148 13.25 5.32 -10.42
N ASN B 149 13.65 4.15 -9.94
CA ASN B 149 13.82 2.94 -10.77
C ASN B 149 12.56 2.52 -11.55
N ARG B 150 12.75 2.16 -12.81
CA ARG B 150 11.74 1.45 -13.59
C ARG B 150 12.39 0.24 -14.19
N CYS B 151 11.57 -0.70 -14.64
CA CYS B 151 12.11 -1.92 -15.24
C CYS B 151 12.91 -1.57 -16.50
N PRO B 152 14.11 -2.18 -16.68
CA PRO B 152 14.92 -1.86 -17.87
C PRO B 152 14.30 -2.37 -19.16
N LYS B 153 14.84 -1.94 -20.30
CA LYS B 153 14.33 -2.34 -21.62
C LYS B 153 14.19 -3.88 -21.72
N GLY B 154 12.99 -4.34 -22.02
CA GLY B 154 12.71 -5.76 -22.20
C GLY B 154 12.51 -6.63 -20.95
N ALA B 155 12.49 -6.03 -19.76
CA ALA B 155 12.26 -6.79 -18.52
C ALA B 155 10.76 -7.04 -18.28
N GLN B 156 10.35 -8.31 -18.38
CA GLN B 156 8.93 -8.71 -18.28
C GLN B 156 8.40 -8.75 -16.86
N CYS B 157 7.22 -8.18 -16.65
CA CYS B 157 6.56 -8.23 -15.35
C CYS B 157 5.85 -9.56 -15.21
N LEU B 158 6.22 -10.30 -14.17
CA LEU B 158 5.73 -11.66 -13.93
C LEU B 158 5.57 -11.90 -12.42
N PRO B 159 4.87 -12.99 -12.01
CA PRO B 159 4.73 -13.23 -10.58
C PRO B 159 6.05 -13.36 -9.82
N PHE B 160 6.03 -12.89 -8.58
CA PHE B 160 7.16 -13.01 -7.67
C PHE B 160 7.73 -14.43 -7.64
N SER B 161 6.84 -15.43 -7.63
CA SER B 161 7.27 -16.85 -7.59
C SER B 161 8.15 -17.26 -8.80
N HIS B 162 7.98 -16.60 -9.95
CA HIS B 162 8.94 -16.76 -11.07
C HIS B 162 10.34 -16.21 -10.70
N TYR B 163 10.45 -14.93 -10.37
CA TYR B 163 11.76 -14.30 -10.16
C TYR B 163 12.44 -14.64 -8.83
N PHE B 164 11.65 -15.01 -7.82
CA PHE B 164 12.18 -15.48 -6.54
C PHE B 164 11.58 -16.87 -6.29
N PRO B 165 12.17 -17.90 -6.91
CA PRO B 165 11.62 -19.23 -6.80
C PRO B 165 11.43 -19.72 -5.37
N THR B 166 12.29 -19.29 -4.46
CA THR B 166 12.13 -19.61 -3.04
C THR B 166 12.02 -18.40 -2.15
N PRO B 167 11.43 -18.61 -0.96
CA PRO B 167 11.45 -17.60 0.09
C PRO B 167 12.82 -17.01 0.31
N ALA B 168 13.82 -17.88 0.35
CA ALA B 168 15.19 -17.48 0.57
C ALA B 168 15.61 -16.42 -0.44
N ASP B 169 15.28 -16.65 -1.71
CA ASP B 169 15.65 -15.69 -2.74
C ASP B 169 15.11 -14.29 -2.44
N LEU B 170 13.86 -14.26 -2.01
CA LEU B 170 13.17 -13.03 -1.75
C LEU B 170 13.79 -12.23 -0.63
N CYS B 171 14.01 -12.90 0.50
CA CYS B 171 14.69 -12.31 1.67
C CYS B 171 16.02 -11.66 1.38
N GLU B 172 16.82 -12.40 0.61
CA GLU B 172 18.25 -12.12 0.47
C GLU B 172 18.51 -11.11 -0.64
N LYS B 173 17.83 -11.28 -1.78
CA LYS B 173 18.09 -10.47 -2.99
C LYS B 173 17.44 -9.08 -3.07
N THR B 174 16.28 -8.89 -2.45
CA THR B 174 15.61 -7.59 -2.50
C THR B 174 16.44 -6.50 -1.83
N TRP B 175 17.14 -6.83 -0.77
CA TRP B 175 17.81 -5.82 0.05
C TRP B 175 19.31 -6.06 0.10
N SER B 176 19.87 -6.55 -1.00
CA SER B 176 21.32 -6.64 -1.18
C SER B 176 22.08 -7.33 0.00
N ASN B 177 21.59 -8.51 0.35
CA ASN B 177 22.16 -9.34 1.43
C ASN B 177 22.27 -8.70 2.83
N SER B 178 21.38 -7.74 3.11
CA SER B 178 21.14 -7.27 4.46
C SER B 178 20.59 -8.42 5.31
N PHE B 179 19.79 -9.27 4.68
CA PHE B 179 19.19 -10.41 5.37
C PHE B 179 19.68 -11.73 4.82
N LYS B 180 19.72 -12.73 5.71
CA LYS B 180 20.02 -14.13 5.39
C LYS B 180 18.79 -14.94 5.77
N ALA B 181 18.34 -15.81 4.87
CA ALA B 181 17.22 -16.68 5.16
C ALA B 181 17.76 -17.83 5.99
N SER B 182 17.35 -17.89 7.25
CA SER B 182 17.85 -18.89 8.17
C SER B 182 17.04 -20.15 8.02
N PRO B 183 17.69 -21.33 8.07
CA PRO B 183 16.88 -22.53 8.16
C PRO B 183 16.15 -22.59 9.50
N GLU B 184 16.72 -21.95 10.54
CA GLU B 184 16.11 -21.90 11.88
C GLU B 184 14.75 -21.26 11.87
N ARG B 185 13.87 -21.85 12.68
CA ARG B 185 12.49 -21.43 12.82
C ARG B 185 12.42 -20.56 14.05
N ARG B 186 11.25 -20.02 14.30
CA ARG B 186 11.04 -19.01 15.31
C ARG B 186 11.06 -19.64 16.66
N ASN B 187 11.44 -18.86 17.66
CA ASN B 187 11.67 -19.31 19.04
C ASN B 187 12.84 -20.26 19.24
N SER B 188 13.69 -20.39 18.23
CA SER B 188 14.88 -21.21 18.35
C SER B 188 15.97 -20.53 19.18
N GLY B 189 15.84 -19.22 19.38
CA GLY B 189 16.87 -18.38 19.99
C GLY B 189 17.90 -17.83 19.01
N ARG B 190 17.82 -18.27 17.75
CA ARG B 190 18.92 -18.22 16.77
C ARG B 190 18.59 -17.60 15.41
N CYS B 191 17.63 -16.68 15.39
CA CYS B 191 17.16 -16.01 14.16
C CYS B 191 16.21 -14.94 14.62
N LEU B 192 16.03 -13.92 13.79
CA LEU B 192 15.24 -12.77 14.18
C LEU B 192 13.99 -12.76 13.38
N GLN B 193 13.00 -12.12 13.99
CA GLN B 193 11.76 -11.83 13.32
C GLN B 193 11.81 -10.43 12.78
N LYS B 194 11.30 -10.23 11.55
CA LYS B 194 11.23 -8.88 10.96
C LYS B 194 10.02 -8.11 11.44
N TRP B 195 9.06 -8.81 12.05
CA TRP B 195 7.95 -8.16 12.74
C TRP B 195 7.54 -9.06 13.89
N PHE B 196 6.90 -8.50 14.91
CA PHE B 196 6.37 -9.29 16.01
C PHE B 196 5.20 -8.54 16.64
N GLU B 197 4.34 -9.30 17.29
CA GLU B 197 3.15 -8.71 17.89
C GLU B 197 3.62 -8.03 19.19
N PRO B 198 3.33 -6.71 19.37
CA PRO B 198 3.85 -5.98 20.55
C PRO B 198 3.38 -6.57 21.86
N ALA B 199 2.12 -7.02 21.90
CA ALA B 199 1.61 -7.84 23.01
C ALA B 199 2.62 -8.90 23.51
N GLN B 200 3.24 -9.65 22.59
CA GLN B 200 4.08 -10.82 22.97
C GLN B 200 5.52 -10.49 23.43
N GLY B 201 5.94 -9.23 23.34
CA GLY B 201 7.29 -8.83 23.72
C GLY B 201 8.33 -9.25 22.69
N ASN B 202 9.46 -8.53 22.69
CA ASN B 202 10.44 -8.61 21.61
C ASN B 202 11.27 -9.89 21.65
N PRO B 203 11.10 -10.79 20.66
CA PRO B 203 11.84 -12.03 20.66
C PRO B 203 13.24 -11.92 20.10
N ASN B 204 13.66 -10.74 19.68
CA ASN B 204 15.00 -10.59 19.14
C ASN B 204 16.06 -10.21 20.14
N VAL B 205 15.67 -9.79 21.32
CA VAL B 205 16.64 -9.33 22.28
C VAL B 205 17.57 -10.46 22.69
N ALA B 206 17.00 -11.63 22.96
CA ALA B 206 17.84 -12.74 23.38
C ALA B 206 18.72 -13.19 22.25
N VAL B 207 18.21 -13.10 21.04
CA VAL B 207 19.01 -13.51 19.91
C VAL B 207 20.22 -12.63 19.82
N ALA B 208 19.96 -11.35 20.02
CA ALA B 208 21.04 -10.38 19.95
C ALA B 208 22.07 -10.70 20.99
N ARG B 209 21.64 -10.97 22.20
CA ARG B 209 22.57 -11.26 23.26
C ARG B 209 23.40 -12.48 22.92
N LEU B 210 22.74 -13.52 22.43
CA LEU B 210 23.43 -14.73 22.11
C LEU B 210 24.53 -14.45 21.14
N PHE B 211 24.22 -13.79 20.04
CA PHE B 211 25.25 -13.57 19.02
C PHE B 211 26.37 -12.61 19.39
N ALA B 212 26.11 -11.73 20.34
CA ALA B 212 27.13 -10.80 20.81
C ALA B 212 28.25 -11.55 21.53
N SER B 213 27.90 -12.72 22.05
CA SER B 213 28.82 -13.57 22.77
C SER B 213 29.81 -14.33 21.91
N GLU B 214 30.83 -14.86 22.59
CA GLU B 214 31.89 -15.65 21.97
C GLU B 214 31.32 -16.90 21.31
N PHE B 215 30.33 -17.48 21.97
CA PHE B 215 29.65 -18.64 21.45
C PHE B 215 28.74 -18.19 20.33
C1 NAG C . -1.79 21.63 32.91
C2 NAG C . -2.33 20.96 34.19
C3 NAG C . -3.86 21.06 34.34
C4 NAG C . -4.36 22.47 34.07
C5 NAG C . -3.83 22.90 32.70
C6 NAG C . -4.32 24.27 32.20
C7 NAG C . -1.06 18.97 34.96
C8 NAG C . -0.95 17.47 34.81
N2 NAG C . -2.02 19.54 34.23
O3 NAG C . -4.30 20.64 35.62
O4 NAG C . -5.80 22.40 34.16
O5 NAG C . -2.40 22.91 32.73
O6 NAG C . -3.68 25.34 32.92
O7 NAG C . -0.31 19.56 35.70
C1 NAG D . 15.34 10.91 -2.90
C2 NAG D . 16.81 11.03 -2.48
C3 NAG D . 17.31 12.48 -2.35
C4 NAG D . 16.73 13.38 -3.44
C5 NAG D . 15.21 13.25 -3.41
C6 NAG D . 14.45 14.31 -4.25
C7 NAG D . 17.89 9.40 -0.99
C8 NAG D . 17.96 8.90 0.42
N2 NAG D . 17.01 10.38 -1.20
O3 NAG D . 18.75 12.46 -2.42
O4 NAG D . 17.17 14.73 -3.22
O5 NAG D . 14.90 11.91 -3.82
O6 NAG D . 14.79 14.26 -5.64
O7 NAG D . 18.61 8.95 -1.86
CL CL E . 14.40 -6.01 17.04
#